data_4Y29
#
_entry.id   4Y29
#
_cell.length_a   43.624
_cell.length_b   54.514
_cell.length_c   66.402
_cell.angle_alpha   90.000
_cell.angle_beta   107.070
_cell.angle_gamma   90.000
#
_symmetry.space_group_name_H-M   'P 1 21 1'
#
loop_
_entity.id
_entity.type
_entity.pdbx_description
1 polymer 'Peroxisome proliferator-activated receptor gamma'
2 polymer 'Peptide from Nuclear receptor coactivator 1'
3 non-polymer 1,2-dimethoxy-12-methyl[1,3]benzodioxolo[5,6-c]phenanthridin-12-ium
4 water water
#
loop_
_entity_poly.entity_id
_entity_poly.type
_entity_poly.pdbx_seq_one_letter_code
_entity_poly.pdbx_strand_id
1 'polypeptide(L)'
;SADLRALAKHLYDSYIKSFPLTKAKARAILTGKTTDKSPFVIYDMNSLMMGEDKIKFKHITPLQEQSKEVAIRIFQGCQF
RSVEAVQEITEYAKSIPGFVNLDLNDQVTLLKYGVHEIIYTMLASLMNKDGVLISEGQGFMTREFLKSLRKPFGDFMEPK
FEFAVKFNALELDDSDLAIFIAVIILSGDRPGLLNVKPIEDIQDNLLQALELQLKLNHPESSQLFAKLLQKMTDLRQIVT
EHVQLLQVIKKTETDMSLHPLLQEIYKDL
;
A
2 'polypeptide(L)' KSLLQQLLTE B
#
# COMPACT_ATOMS: atom_id res chain seq x y z
N SER A 1 -25.28 13.88 5.47
CA SER A 1 -25.15 12.40 5.16
C SER A 1 -25.00 12.24 3.68
N ALA A 2 -25.86 12.90 2.89
CA ALA A 2 -25.78 12.77 1.44
C ALA A 2 -24.43 13.23 0.85
N ASP A 3 -23.90 14.29 1.41
CA ASP A 3 -22.58 14.79 1.02
C ASP A 3 -21.48 13.75 1.34
N LEU A 4 -21.63 13.13 2.49
CA LEU A 4 -20.66 12.02 2.89
C LEU A 4 -20.72 10.86 1.96
N ARG A 5 -21.90 10.45 1.53
CA ARG A 5 -21.97 9.36 0.51
C ARG A 5 -21.44 9.80 -0.85
N ALA A 6 -21.75 11.02 -1.29
CA ALA A 6 -21.14 11.52 -2.55
C ALA A 6 -19.61 11.56 -2.46
N LEU A 7 -19.05 12.02 -1.35
CA LEU A 7 -17.58 11.96 -1.18
C LEU A 7 -17.08 10.51 -1.23
N ALA A 8 -17.78 9.59 -0.53
CA ALA A 8 -17.35 8.19 -0.56
C ALA A 8 -17.38 7.65 -2.00
N LYS A 9 -18.46 7.94 -2.76
CA LYS A 9 -18.52 7.44 -4.14
C LYS A 9 -17.44 8.07 -5.04
N HIS A 10 -17.24 9.38 -4.92
CA HIS A 10 -16.16 10.04 -5.65
C HIS A 10 -14.79 9.34 -5.42
N LEU A 11 -14.48 9.08 -4.14
CA LEU A 11 -13.21 8.37 -3.80
C LEU A 11 -13.16 6.96 -4.35
N TYR A 12 -14.24 6.22 -4.21
CA TYR A 12 -14.27 4.91 -4.89
C TYR A 12 -14.02 5.00 -6.43
N ASP A 13 -14.73 5.92 -7.09
CA ASP A 13 -14.55 6.05 -8.57
C ASP A 13 -13.07 6.38 -8.87
N SER A 14 -12.47 7.28 -8.10
CA SER A 14 -11.03 7.61 -8.35
C SER A 14 -10.11 6.47 -8.06
N TYR A 15 -10.37 5.77 -6.94
CA TYR A 15 -9.62 4.56 -6.62
C TYR A 15 -9.61 3.56 -7.80
N ILE A 16 -10.78 3.29 -8.36
CA ILE A 16 -10.91 2.38 -9.57
C ILE A 16 -10.10 2.92 -10.73
N LYS A 17 -10.13 4.22 -10.96
CA LYS A 17 -9.30 4.80 -12.03
C LYS A 17 -7.80 4.75 -11.75
N SER A 18 -7.39 4.80 -10.47
CA SER A 18 -5.99 4.93 -10.11
C SER A 18 -5.29 3.59 -9.96
N PHE A 19 -6.05 2.58 -9.59
CA PHE A 19 -5.44 1.27 -9.20
C PHE A 19 -5.99 0.19 -10.09
N PRO A 20 -5.17 -0.25 -11.08
CA PRO A 20 -5.64 -1.28 -12.02
C PRO A 20 -6.00 -2.60 -11.38
N LEU A 21 -5.27 -3.00 -10.35
CA LEU A 21 -5.60 -4.23 -9.66
C LEU A 21 -6.29 -3.99 -8.27
N THR A 22 -7.59 -4.12 -8.23
CA THR A 22 -8.45 -3.85 -7.05
C THR A 22 -8.53 -5.06 -6.13
N LYS A 23 -8.98 -4.87 -4.89
CA LYS A 23 -9.13 -6.04 -4.04
C LYS A 23 -10.14 -7.08 -4.64
N ALA A 24 -11.23 -6.56 -5.22
CA ALA A 24 -12.25 -7.46 -5.83
C ALA A 24 -11.59 -8.33 -6.93
N LYS A 25 -10.84 -7.72 -7.86
CA LYS A 25 -10.14 -8.53 -8.92
C LYS A 25 -9.12 -9.51 -8.31
N ALA A 26 -8.42 -9.05 -7.26
CA ALA A 26 -7.37 -9.87 -6.63
C ALA A 26 -7.98 -11.10 -5.91
N ARG A 27 -9.05 -10.89 -5.14
CA ARG A 27 -9.60 -12.06 -4.41
C ARG A 27 -10.20 -13.09 -5.43
N ALA A 28 -10.69 -12.61 -6.55
CA ALA A 28 -11.16 -13.51 -7.61
C ALA A 28 -9.98 -14.46 -7.99
N ILE A 29 -8.84 -13.85 -8.36
CA ILE A 29 -7.63 -14.60 -8.70
C ILE A 29 -7.21 -15.51 -7.59
N LEU A 30 -7.10 -15.01 -6.37
CA LEU A 30 -6.63 -15.81 -5.25
C LEU A 30 -7.50 -17.01 -4.94
N THR A 31 -8.82 -16.85 -5.10
CA THR A 31 -9.71 -17.95 -4.82
C THR A 31 -9.95 -18.80 -6.07
N GLY A 32 -9.44 -18.37 -7.22
CA GLY A 32 -9.68 -19.02 -8.50
C GLY A 32 -11.17 -18.95 -8.78
N LYS A 33 -11.64 -17.79 -9.25
CA LYS A 33 -13.07 -17.53 -9.48
C LYS A 33 -13.12 -16.63 -10.69
N THR A 34 -12.05 -16.71 -11.48
CA THR A 34 -11.85 -15.87 -12.66
C THR A 34 -11.82 -16.78 -13.90
N THR A 35 -11.73 -16.21 -15.11
CA THR A 35 -11.74 -17.03 -16.34
C THR A 35 -10.36 -17.17 -17.00
N ASP A 36 -9.75 -16.02 -17.33
CA ASP A 36 -8.33 -15.89 -17.77
C ASP A 36 -7.28 -16.44 -16.74
N LYS A 37 -6.06 -15.90 -16.72
CA LYS A 37 -4.98 -16.40 -15.82
C LYS A 37 -4.84 -17.91 -16.14
N SER A 38 -4.36 -18.79 -15.24
CA SER A 38 -4.04 -18.60 -13.84
C SER A 38 -2.68 -17.92 -13.62
N PRO A 39 -2.44 -17.44 -12.38
CA PRO A 39 -1.09 -16.96 -12.09
C PRO A 39 -0.08 -18.14 -12.04
N PHE A 40 1.11 -17.85 -12.52
CA PHE A 40 2.26 -18.72 -12.29
C PHE A 40 2.70 -18.76 -10.83
N VAL A 41 2.74 -19.94 -10.26
CA VAL A 41 3.17 -20.10 -8.90
C VAL A 41 4.67 -20.31 -8.70
N ILE A 42 5.26 -19.42 -7.88
CA ILE A 42 6.66 -19.47 -7.57
C ILE A 42 6.76 -19.95 -6.14
N TYR A 43 7.22 -21.20 -5.99
CA TYR A 43 7.27 -21.88 -4.67
C TYR A 43 8.68 -22.45 -4.32
N ASP A 44 9.61 -22.37 -5.28
CA ASP A 44 10.98 -22.76 -5.00
C ASP A 44 11.88 -22.14 -6.08
N MET A 45 13.16 -22.47 -6.04
CA MET A 45 14.14 -21.88 -6.95
C MET A 45 13.91 -22.33 -8.37
N ASN A 46 13.48 -23.57 -8.50
CA ASN A 46 13.23 -24.11 -9.86
C ASN A 46 12.02 -23.39 -10.52
N SER A 47 10.90 -23.26 -9.80
CA SER A 47 9.76 -22.47 -10.33
C SER A 47 10.09 -20.95 -10.44
N LEU A 48 10.98 -20.41 -9.60
CA LEU A 48 11.41 -19.02 -9.83
C LEU A 48 12.11 -18.87 -11.19
N MET A 49 13.04 -19.80 -11.49
CA MET A 49 13.71 -19.76 -12.80
C MET A 49 12.70 -19.84 -13.94
N MET A 50 11.77 -20.80 -13.86
CA MET A 50 10.77 -21.02 -14.91
C MET A 50 9.89 -19.77 -15.10
N GLY A 51 9.45 -19.16 -13.99
CA GLY A 51 8.51 -18.03 -14.01
C GLY A 51 9.15 -16.67 -14.21
N GLU A 52 10.47 -16.56 -14.11
CA GLU A 52 11.26 -15.38 -14.50
C GLU A 52 10.62 -14.45 -15.54
N ASP A 53 10.21 -15.01 -16.67
CA ASP A 53 9.43 -14.27 -17.67
C ASP A 53 8.04 -13.90 -17.15
N LYS A 54 8.03 -13.32 -15.95
CA LYS A 54 6.84 -12.67 -15.38
C LYS A 54 7.12 -11.97 -14.04
N ILE A 55 7.65 -10.72 -14.08
CA ILE A 55 8.21 -10.10 -15.32
C ILE A 55 9.72 -10.31 -15.47
N LYS A 68 23.36 -11.68 -10.33
CA LYS A 68 22.80 -11.26 -9.03
C LYS A 68 22.09 -12.41 -8.29
N GLU A 69 22.45 -12.64 -7.03
CA GLU A 69 21.82 -13.69 -6.26
C GLU A 69 20.29 -13.49 -6.10
N VAL A 70 19.61 -14.60 -5.84
CA VAL A 70 18.15 -14.62 -5.92
C VAL A 70 17.49 -13.60 -4.97
N ALA A 71 17.82 -13.64 -3.69
CA ALA A 71 17.25 -12.68 -2.71
C ALA A 71 17.27 -11.23 -3.23
N ILE A 72 18.37 -10.91 -3.91
CA ILE A 72 18.60 -9.61 -4.48
C ILE A 72 17.71 -9.26 -5.66
N ARG A 73 17.55 -10.20 -6.60
CA ARG A 73 16.75 -9.96 -7.79
C ARG A 73 15.32 -9.87 -7.40
N ILE A 74 14.96 -10.60 -6.36
CA ILE A 74 13.60 -10.48 -5.86
C ILE A 74 13.40 -9.10 -5.18
N PHE A 75 14.22 -8.80 -4.18
CA PHE A 75 14.24 -7.48 -3.57
C PHE A 75 14.21 -6.33 -4.61
N GLN A 76 14.97 -6.45 -5.69
CA GLN A 76 14.93 -5.40 -6.72
C GLN A 76 13.75 -5.43 -7.70
N GLY A 77 13.03 -6.53 -7.79
CA GLY A 77 11.74 -6.52 -8.48
C GLY A 77 10.71 -5.74 -7.65
N CYS A 78 10.73 -5.94 -6.33
CA CYS A 78 9.84 -5.23 -5.41
C CYS A 78 9.95 -3.72 -5.41
N GLN A 79 11.17 -3.20 -5.54
CA GLN A 79 11.39 -1.77 -5.78
C GLN A 79 10.61 -1.24 -6.97
N PHE A 80 10.72 -1.88 -8.10
CA PHE A 80 9.99 -1.37 -9.24
C PHE A 80 8.47 -1.43 -9.08
N ARG A 81 7.94 -2.50 -8.49
CA ARG A 81 6.52 -2.52 -8.16
C ARG A 81 6.18 -1.45 -7.09
N SER A 82 7.07 -1.23 -6.11
CA SER A 82 6.79 -0.17 -5.13
C SER A 82 6.75 1.18 -5.86
N VAL A 83 7.69 1.37 -6.77
CA VAL A 83 7.76 2.61 -7.59
C VAL A 83 6.47 2.84 -8.39
N GLU A 84 6.00 1.81 -9.10
CA GLU A 84 4.66 1.92 -9.77
C GLU A 84 3.48 2.25 -8.76
N ALA A 85 3.49 1.64 -7.58
CA ALA A 85 2.48 1.90 -6.53
C ALA A 85 2.54 3.34 -6.05
N VAL A 86 3.75 3.86 -5.85
CA VAL A 86 3.87 5.27 -5.47
C VAL A 86 3.20 6.14 -6.47
N GLN A 87 3.43 5.88 -7.78
CA GLN A 87 2.79 6.66 -8.81
C GLN A 87 1.27 6.56 -8.83
N GLU A 88 0.76 5.35 -8.62
CA GLU A 88 -0.73 5.17 -8.59
C GLU A 88 -1.32 5.89 -7.38
N ILE A 89 -0.63 5.80 -6.23
CA ILE A 89 -1.15 6.44 -4.96
C ILE A 89 -1.07 7.94 -5.12
N THR A 90 0.00 8.47 -5.76
CA THR A 90 0.05 9.92 -6.06
C THR A 90 -1.15 10.42 -6.89
N GLU A 91 -1.43 9.67 -7.97
CA GLU A 91 -2.61 9.95 -8.79
C GLU A 91 -3.89 9.92 -7.97
N TYR A 92 -4.01 8.92 -7.11
CA TYR A 92 -5.18 8.83 -6.26
C TYR A 92 -5.29 10.07 -5.27
N ALA A 93 -4.15 10.44 -4.66
CA ALA A 93 -4.19 11.53 -3.63
C ALA A 93 -4.64 12.81 -4.31
N LYS A 94 -4.22 13.02 -5.57
CA LYS A 94 -4.64 14.26 -6.31
C LYS A 94 -6.15 14.36 -6.59
N SER A 95 -6.86 13.23 -6.54
CA SER A 95 -8.31 13.22 -6.63
C SER A 95 -9.00 13.52 -5.34
N ILE A 96 -8.28 13.55 -4.22
CA ILE A 96 -9.04 13.77 -2.95
C ILE A 96 -9.38 15.28 -2.87
N PRO A 97 -10.66 15.63 -2.70
CA PRO A 97 -11.03 17.07 -2.65
C PRO A 97 -10.18 17.85 -1.67
N GLY A 98 -9.69 19.00 -2.13
CA GLY A 98 -8.85 19.85 -1.28
C GLY A 98 -7.36 19.57 -1.40
N PHE A 99 -6.95 18.43 -1.94
CA PHE A 99 -5.57 18.03 -1.75
C PHE A 99 -4.66 18.84 -2.65
N VAL A 100 -5.04 19.04 -3.92
CA VAL A 100 -4.15 19.78 -4.84
C VAL A 100 -4.08 21.26 -4.50
N ASN A 101 -5.04 21.77 -3.72
CA ASN A 101 -4.96 23.20 -3.28
C ASN A 101 -4.06 23.35 -2.05
N LEU A 102 -3.63 22.24 -1.43
CA LEU A 102 -2.68 22.37 -0.27
C LEU A 102 -1.34 22.92 -0.75
N ASP A 103 -0.59 23.62 0.09
CA ASP A 103 0.79 23.99 -0.17
C ASP A 103 1.45 22.76 -0.81
N LEU A 104 2.17 22.98 -1.89
CA LEU A 104 2.76 21.87 -2.64
C LEU A 104 3.84 21.11 -1.82
N ASN A 105 4.59 21.83 -0.98
CA ASN A 105 5.53 21.14 -0.05
C ASN A 105 4.82 20.18 0.94
N ASP A 106 3.67 20.60 1.45
CA ASP A 106 2.85 19.70 2.28
C ASP A 106 2.33 18.48 1.53
N GLN A 107 1.91 18.64 0.25
CA GLN A 107 1.57 17.45 -0.54
C GLN A 107 2.71 16.46 -0.63
N VAL A 108 3.91 16.97 -0.91
CA VAL A 108 5.08 16.13 -1.04
C VAL A 108 5.28 15.42 0.30
N THR A 109 5.20 16.17 1.40
CA THR A 109 5.46 15.60 2.75
C THR A 109 4.41 14.49 3.11
N LEU A 110 3.14 14.76 2.78
CA LEU A 110 2.08 13.75 3.03
C LEU A 110 2.31 12.46 2.26
N LEU A 111 2.77 12.55 1.03
CA LEU A 111 3.03 11.36 0.23
C LEU A 111 4.30 10.69 0.69
N LYS A 112 5.31 11.49 1.03
CA LYS A 112 6.56 10.92 1.48
C LYS A 112 6.40 10.02 2.73
N TYR A 113 5.64 10.52 3.71
CA TYR A 113 5.46 9.80 4.95
C TYR A 113 4.29 8.91 4.95
N GLY A 114 3.43 8.97 3.94
CA GLY A 114 2.23 8.18 3.91
C GLY A 114 2.19 7.00 2.93
N VAL A 115 2.97 7.09 1.85
CA VAL A 115 2.90 6.10 0.81
C VAL A 115 3.22 4.67 1.25
N HIS A 116 4.13 4.47 2.20
CA HIS A 116 4.33 3.06 2.62
C HIS A 116 3.19 2.43 3.39
N GLU A 117 2.55 3.19 4.27
CA GLU A 117 1.34 2.71 4.95
C GLU A 117 0.29 2.28 3.94
N ILE A 118 0.19 3.05 2.85
CA ILE A 118 -0.84 2.77 1.84
C ILE A 118 -0.38 1.53 1.09
N ILE A 119 0.90 1.45 0.73
CA ILE A 119 1.40 0.26 0.02
C ILE A 119 1.11 -1.04 0.82
N TYR A 120 1.42 -1.01 2.13
CA TYR A 120 1.16 -2.19 2.99
C TYR A 120 -0.34 -2.51 3.14
N THR A 121 -1.14 -1.46 3.27
CA THR A 121 -2.57 -1.64 3.20
C THR A 121 -3.07 -2.38 1.98
N MET A 122 -2.66 -1.93 0.82
CA MET A 122 -3.13 -2.45 -0.46
C MET A 122 -2.47 -3.74 -0.81
N LEU A 123 -1.26 -3.94 -0.32
CA LEU A 123 -0.62 -5.29 -0.42
C LEU A 123 -1.41 -6.38 0.27
N ALA A 124 -2.12 -6.09 1.38
CA ALA A 124 -2.96 -7.10 2.03
C ALA A 124 -4.02 -7.58 1.10
N SER A 125 -4.58 -6.68 0.31
CA SER A 125 -5.55 -7.09 -0.78
C SER A 125 -5.05 -8.21 -1.76
N LEU A 126 -3.75 -8.28 -1.95
CA LEU A 126 -3.10 -9.26 -2.85
C LEU A 126 -2.56 -10.53 -2.09
N MET A 127 -2.76 -10.60 -0.79
CA MET A 127 -2.20 -11.69 0.06
C MET A 127 -3.29 -12.60 0.67
N ASN A 128 -2.95 -13.89 0.80
CA ASN A 128 -3.69 -14.72 1.73
C ASN A 128 -2.64 -15.29 2.70
N LYS A 129 -3.04 -16.26 3.54
CA LYS A 129 -2.06 -16.80 4.50
C LYS A 129 -0.88 -17.57 3.83
N ASP A 130 -1.05 -17.97 2.56
CA ASP A 130 -0.08 -18.81 1.78
C ASP A 130 0.86 -18.10 0.82
N GLY A 131 0.58 -16.84 0.47
CA GLY A 131 1.44 -16.13 -0.44
C GLY A 131 0.82 -14.83 -0.96
N VAL A 132 1.47 -14.27 -1.96
CA VAL A 132 1.18 -12.90 -2.48
C VAL A 132 1.14 -12.86 -4.00
N LEU A 133 0.09 -12.24 -4.56
CA LEU A 133 0.03 -11.98 -6.01
C LEU A 133 1.04 -10.96 -6.39
N ILE A 134 1.78 -11.25 -7.44
CA ILE A 134 2.73 -10.31 -8.01
C ILE A 134 2.51 -10.12 -9.55
N SER A 135 3.21 -9.16 -10.14
CA SER A 135 3.15 -8.82 -11.59
C SER A 135 1.74 -8.63 -12.02
N GLU A 136 1.07 -7.69 -11.36
CA GLU A 136 -0.30 -7.35 -11.73
C GLU A 136 -1.19 -8.61 -11.78
N GLY A 137 -1.04 -9.50 -10.80
CA GLY A 137 -1.79 -10.76 -10.78
C GLY A 137 -1.26 -11.92 -11.63
N GLN A 138 -0.12 -11.75 -12.30
CA GLN A 138 0.36 -12.82 -13.23
C GLN A 138 1.18 -13.89 -12.52
N GLY A 139 1.64 -13.56 -11.32
CA GLY A 139 2.37 -14.52 -10.52
C GLY A 139 1.82 -14.59 -9.11
N PHE A 140 2.11 -15.68 -8.42
CA PHE A 140 1.84 -15.78 -7.02
C PHE A 140 3.09 -16.35 -6.34
N MET A 141 3.65 -15.63 -5.38
CA MET A 141 4.85 -16.07 -4.66
C MET A 141 4.44 -16.63 -3.34
N THR A 142 4.88 -17.84 -2.98
CA THR A 142 4.43 -18.43 -1.70
C THR A 142 5.17 -17.75 -0.55
N ARG A 143 4.46 -17.70 0.53
CA ARG A 143 4.95 -17.21 1.80
C ARG A 143 6.17 -18.03 2.28
N GLU A 144 6.11 -19.35 2.11
CA GLU A 144 7.20 -20.24 2.47
C GLU A 144 8.46 -19.92 1.66
N PHE A 145 8.29 -19.78 0.38
CA PHE A 145 9.42 -19.47 -0.47
C PHE A 145 10.10 -18.18 0.00
N LEU A 146 9.31 -17.14 0.30
CA LEU A 146 9.87 -15.89 0.71
C LEU A 146 10.59 -15.95 2.10
N LYS A 147 10.10 -16.79 2.99
CA LYS A 147 10.74 -16.92 4.30
C LYS A 147 12.04 -17.74 4.23
N SER A 148 12.20 -18.56 3.18
CA SER A 148 13.40 -19.40 2.94
C SER A 148 14.58 -18.61 2.36
N LEU A 149 14.36 -17.37 1.93
CA LEU A 149 15.47 -16.53 1.48
C LEU A 149 16.47 -16.20 2.61
N ARG A 150 17.74 -16.03 2.25
CA ARG A 150 18.75 -15.87 3.29
C ARG A 150 18.58 -14.59 4.13
N LYS A 151 18.87 -14.68 5.42
CA LYS A 151 18.89 -13.50 6.26
C LYS A 151 19.67 -12.39 5.57
N PRO A 152 19.23 -11.13 5.76
CA PRO A 152 17.98 -10.69 6.42
C PRO A 152 16.74 -10.66 5.48
N PHE A 153 16.89 -11.22 4.29
CA PHE A 153 15.87 -11.13 3.23
C PHE A 153 14.66 -11.96 3.56
N GLY A 154 14.85 -13.09 4.23
CA GLY A 154 13.72 -13.92 4.68
C GLY A 154 12.72 -13.24 5.62
N ASP A 155 13.02 -12.03 6.08
CA ASP A 155 12.23 -11.39 7.17
C ASP A 155 11.46 -10.18 6.69
N PHE A 156 11.76 -9.70 5.48
CA PHE A 156 11.07 -8.51 5.02
C PHE A 156 9.59 -8.67 4.99
N MET A 157 9.13 -9.80 4.45
CA MET A 157 7.70 -9.94 4.08
C MET A 157 6.82 -10.51 5.21
N GLU A 158 7.36 -11.42 6.00
CA GLU A 158 6.61 -12.07 7.12
C GLU A 158 5.73 -11.11 8.00
N PRO A 159 6.30 -9.97 8.44
CA PRO A 159 5.43 -9.12 9.27
C PRO A 159 4.30 -8.47 8.44
N LYS A 160 4.50 -8.36 7.11
CA LYS A 160 3.44 -7.90 6.20
C LYS A 160 2.35 -8.98 6.06
N PHE A 161 2.74 -10.25 5.82
CA PHE A 161 1.81 -11.39 5.93
C PHE A 161 1.06 -11.43 7.27
N GLU A 162 1.75 -11.19 8.39
CA GLU A 162 1.03 -11.25 9.69
C GLU A 162 -0.04 -10.12 9.83
N PHE A 163 0.37 -8.89 9.44
CA PHE A 163 -0.55 -7.77 9.33
C PHE A 163 -1.75 -8.14 8.40
N ALA A 164 -1.43 -8.62 7.19
CA ALA A 164 -2.48 -8.82 6.18
C ALA A 164 -3.53 -9.84 6.61
N VAL A 165 -3.09 -10.93 7.20
CA VAL A 165 -4.10 -11.94 7.60
C VAL A 165 -5.09 -11.32 8.64
N LYS A 166 -4.57 -10.57 9.60
CA LYS A 166 -5.50 -9.99 10.56
C LYS A 166 -6.31 -8.85 9.90
N PHE A 167 -5.67 -8.10 9.00
CA PHE A 167 -6.38 -6.99 8.36
C PHE A 167 -7.51 -7.53 7.47
N ASN A 168 -7.17 -8.53 6.65
CA ASN A 168 -8.15 -9.20 5.77
C ASN A 168 -9.33 -9.79 6.51
N ALA A 169 -9.17 -10.15 7.79
CA ALA A 169 -10.30 -10.78 8.55
C ALA A 169 -11.38 -9.70 8.76
N LEU A 170 -11.02 -8.41 8.65
CA LEU A 170 -12.00 -7.35 8.74
C LEU A 170 -12.98 -7.32 7.58
N GLU A 171 -12.59 -7.93 6.48
CA GLU A 171 -13.41 -8.06 5.30
C GLU A 171 -13.84 -6.72 4.62
N LEU A 172 -12.87 -5.78 4.49
CA LEU A 172 -13.18 -4.54 3.81
C LEU A 172 -13.29 -4.76 2.34
N ASP A 173 -14.08 -3.92 1.68
CA ASP A 173 -14.12 -4.04 0.21
C ASP A 173 -13.43 -2.79 -0.33
N ASP A 174 -13.36 -2.69 -1.66
CA ASP A 174 -12.67 -1.55 -2.30
C ASP A 174 -13.27 -0.20 -1.90
N SER A 175 -14.61 -0.14 -1.76
CA SER A 175 -15.29 1.08 -1.33
C SER A 175 -14.81 1.53 0.06
N ASP A 176 -14.67 0.58 0.96
CA ASP A 176 -14.17 0.94 2.31
C ASP A 176 -12.69 1.42 2.22
N LEU A 177 -11.89 0.67 1.47
CA LEU A 177 -10.45 0.90 1.39
C LEU A 177 -10.22 2.29 0.83
N ALA A 178 -11.04 2.72 -0.16
CA ALA A 178 -10.80 4.04 -0.81
C ALA A 178 -10.78 5.13 0.25
N ILE A 179 -11.74 5.10 1.16
CA ILE A 179 -11.82 6.17 2.15
C ILE A 179 -10.73 6.00 3.19
N PHE A 180 -10.48 4.75 3.60
CA PHE A 180 -9.44 4.45 4.61
C PHE A 180 -8.09 4.96 4.11
N ILE A 181 -7.77 4.76 2.81
CA ILE A 181 -6.50 5.21 2.30
C ILE A 181 -6.41 6.72 2.29
N ALA A 182 -7.52 7.35 1.96
CA ALA A 182 -7.51 8.81 1.90
C ALA A 182 -7.28 9.45 3.31
N VAL A 183 -7.90 8.84 4.33
CA VAL A 183 -7.75 9.24 5.74
C VAL A 183 -6.26 9.20 6.08
N ILE A 184 -5.63 8.10 5.73
CA ILE A 184 -4.23 7.95 6.05
C ILE A 184 -3.32 8.97 5.36
N ILE A 185 -3.60 9.19 4.08
CA ILE A 185 -2.80 10.21 3.41
C ILE A 185 -2.96 11.62 4.06
N LEU A 186 -4.17 11.98 4.46
CA LEU A 186 -4.44 13.33 5.05
C LEU A 186 -4.07 13.32 6.57
N SER A 187 -2.85 12.85 6.91
CA SER A 187 -2.43 12.79 8.33
C SER A 187 -1.73 14.12 8.72
N GLY A 188 -2.33 14.86 9.61
CA GLY A 188 -1.81 16.17 9.97
C GLY A 188 -0.58 16.10 10.90
N ASP A 189 -0.21 14.89 11.28
CA ASP A 189 0.97 14.78 12.22
C ASP A 189 2.28 14.43 11.56
N ARG A 190 2.36 14.46 10.22
CA ARG A 190 3.64 14.08 9.52
C ARG A 190 4.65 15.17 9.79
N PRO A 191 5.91 14.81 9.87
CA PRO A 191 6.93 15.76 10.26
C PRO A 191 7.15 16.90 9.22
N GLY A 192 7.24 18.14 9.68
CA GLY A 192 7.69 19.23 8.74
C GLY A 192 6.48 19.81 7.98
N LEU A 193 5.25 19.38 8.33
CA LEU A 193 4.09 19.99 7.64
C LEU A 193 4.01 21.48 7.95
N LEU A 194 3.83 22.29 6.90
CA LEU A 194 3.78 23.77 7.12
C LEU A 194 2.40 24.23 7.62
N ASN A 195 1.31 23.69 7.06
CA ASN A 195 -0.03 24.21 7.44
C ASN A 195 -0.92 23.00 7.83
N VAL A 196 -1.06 22.70 9.10
CA VAL A 196 -1.68 21.41 9.55
C VAL A 196 -3.17 21.55 9.52
N LYS A 197 -3.64 22.75 9.85
CA LYS A 197 -5.09 22.87 10.03
C LYS A 197 -5.90 22.50 8.75
N PRO A 198 -5.53 22.96 7.55
CA PRO A 198 -6.37 22.57 6.39
C PRO A 198 -6.32 21.06 6.10
N ILE A 199 -5.30 20.38 6.60
CA ILE A 199 -5.10 18.97 6.29
C ILE A 199 -6.01 18.21 7.27
N GLU A 200 -5.98 18.61 8.54
CA GLU A 200 -6.87 17.97 9.52
C GLU A 200 -8.31 18.28 9.20
N ASP A 201 -8.63 19.48 8.75
CA ASP A 201 -10.03 19.72 8.27
C ASP A 201 -10.53 18.75 7.16
N ILE A 202 -9.71 18.53 6.16
CA ILE A 202 -10.03 17.49 5.17
C ILE A 202 -10.12 16.10 5.80
N GLN A 203 -9.16 15.76 6.64
CA GLN A 203 -9.17 14.42 7.25
C GLN A 203 -10.43 14.22 8.13
N ASP A 204 -10.90 15.29 8.77
CA ASP A 204 -12.07 15.23 9.69
C ASP A 204 -13.31 14.81 8.87
N ASN A 205 -13.43 15.42 7.72
CA ASN A 205 -14.49 15.07 6.74
C ASN A 205 -14.35 13.65 6.17
N LEU A 206 -13.13 13.25 5.80
CA LEU A 206 -12.90 11.84 5.34
C LEU A 206 -13.22 10.79 6.45
N LEU A 207 -12.84 11.10 7.71
CA LEU A 207 -13.21 10.28 8.89
C LEU A 207 -14.69 10.16 9.07
N GLN A 208 -15.42 11.24 8.93
CA GLN A 208 -16.90 11.11 9.06
C GLN A 208 -17.45 10.29 7.87
N ALA A 209 -16.89 10.49 6.65
CA ALA A 209 -17.36 9.63 5.53
C ALA A 209 -17.04 8.16 5.78
N LEU A 210 -15.89 7.89 6.36
CA LEU A 210 -15.45 6.50 6.63
C LEU A 210 -16.38 5.91 7.64
N GLU A 211 -16.67 6.68 8.70
CA GLU A 211 -17.58 6.16 9.75
C GLU A 211 -18.98 5.73 9.18
N LEU A 212 -19.55 6.61 8.38
CA LEU A 212 -20.84 6.34 7.78
C LEU A 212 -20.77 5.17 6.76
N GLN A 213 -19.69 5.13 5.98
CA GLN A 213 -19.46 3.99 5.06
C GLN A 213 -19.46 2.65 5.82
N LEU A 214 -18.72 2.60 6.94
CA LEU A 214 -18.68 1.34 7.73
C LEU A 214 -20.03 0.98 8.38
N LYS A 215 -20.72 1.99 8.90
CA LYS A 215 -22.08 1.80 9.47
C LYS A 215 -23.06 1.21 8.43
N LEU A 216 -23.05 1.72 7.19
CA LEU A 216 -24.02 1.29 6.19
C LEU A 216 -23.56 0.06 5.53
N ASN A 217 -22.26 -0.08 5.24
CA ASN A 217 -21.76 -1.22 4.45
C ASN A 217 -21.43 -2.44 5.34
N HIS A 218 -21.23 -2.20 6.65
CA HIS A 218 -20.92 -3.36 7.59
C HIS A 218 -21.80 -3.18 8.81
N PRO A 219 -23.13 -3.24 8.63
CA PRO A 219 -23.99 -2.88 9.76
C PRO A 219 -23.88 -3.83 10.92
N GLU A 220 -23.41 -5.04 10.71
CA GLU A 220 -23.38 -5.95 11.85
C GLU A 220 -21.96 -6.09 12.43
N SER A 221 -21.03 -5.24 11.97
CA SER A 221 -19.64 -5.35 12.40
C SER A 221 -19.37 -4.32 13.44
N SER A 222 -19.57 -4.75 14.69
CA SER A 222 -19.51 -3.81 15.83
C SER A 222 -18.09 -3.20 15.95
N GLN A 223 -18.01 -1.90 16.13
CA GLN A 223 -16.75 -1.25 16.45
C GLN A 223 -15.76 -1.37 15.25
N LEU A 224 -16.25 -1.73 14.05
CA LEU A 224 -15.34 -1.73 12.88
C LEU A 224 -14.50 -0.42 12.71
N PHE A 225 -15.13 0.70 12.91
CA PHE A 225 -14.45 2.00 12.77
C PHE A 225 -13.28 2.09 13.78
N ALA A 226 -13.57 1.82 15.06
CA ALA A 226 -12.49 1.78 16.07
C ALA A 226 -11.38 0.79 15.70
N LYS A 227 -11.74 -0.39 15.19
CA LYS A 227 -10.71 -1.30 14.71
C LYS A 227 -9.82 -0.77 13.56
N LEU A 228 -10.41 -0.04 12.61
CA LEU A 228 -9.57 0.56 11.53
C LEU A 228 -8.70 1.66 12.04
N LEU A 229 -9.16 2.43 13.02
CA LEU A 229 -8.28 3.47 13.55
C LEU A 229 -7.07 2.82 14.16
N GLN A 230 -7.26 1.66 14.81
CA GLN A 230 -6.15 0.96 15.43
C GLN A 230 -5.18 0.39 14.36
N LYS A 231 -5.73 -0.12 13.26
CA LYS A 231 -4.90 -0.57 12.09
C LYS A 231 -3.98 0.56 11.59
N MET A 232 -4.49 1.81 11.59
CA MET A 232 -3.60 2.97 11.24
C MET A 232 -2.40 3.09 12.16
N THR A 233 -2.60 2.90 13.46
CA THR A 233 -1.46 2.76 14.37
C THR A 233 -0.58 1.60 14.08
N ASP A 234 -1.16 0.43 13.85
CA ASP A 234 -0.36 -0.70 13.52
C ASP A 234 0.45 -0.49 12.22
N LEU A 235 -0.11 0.27 11.25
CA LEU A 235 0.65 0.49 10.00
C LEU A 235 1.90 1.28 10.26
N ARG A 236 1.84 2.20 11.21
CA ARG A 236 3.00 3.00 11.47
C ARG A 236 4.10 2.15 12.08
N GLN A 237 3.72 1.15 12.88
CA GLN A 237 4.79 0.28 13.47
C GLN A 237 5.38 -0.57 12.40
N ILE A 238 4.56 -1.03 11.48
CA ILE A 238 5.05 -1.85 10.35
C ILE A 238 6.05 -1.11 9.51
N VAL A 239 5.70 0.14 9.16
CA VAL A 239 6.63 0.92 8.41
C VAL A 239 7.94 1.20 9.20
N THR A 240 7.86 1.62 10.45
CA THR A 240 9.05 1.72 11.30
C THR A 240 9.94 0.47 11.26
N GLU A 241 9.33 -0.70 11.39
CA GLU A 241 10.08 -1.94 11.44
C GLU A 241 10.78 -2.22 10.08
N HIS A 242 10.06 -1.95 8.99
CA HIS A 242 10.54 -2.04 7.62
C HIS A 242 11.74 -1.12 7.30
N VAL A 243 11.64 0.14 7.69
CA VAL A 243 12.75 1.07 7.66
C VAL A 243 13.97 0.54 8.44
N GLN A 244 13.76 -0.07 9.61
CA GLN A 244 14.90 -0.60 10.34
C GLN A 244 15.60 -1.68 9.48
N LEU A 245 14.82 -2.57 8.88
CA LEU A 245 15.36 -3.65 8.11
C LEU A 245 16.14 -3.12 6.95
N LEU A 246 15.65 -2.09 6.28
CA LEU A 246 16.33 -1.43 5.18
C LEU A 246 17.66 -0.87 5.62
N GLN A 247 17.67 -0.19 6.76
CA GLN A 247 18.87 0.28 7.41
C GLN A 247 19.94 -0.82 7.49
N VAL A 248 19.61 -1.97 8.09
CA VAL A 248 20.53 -3.12 8.18
C VAL A 248 21.09 -3.56 6.82
N ILE A 249 20.27 -3.44 5.79
CA ILE A 249 20.65 -3.75 4.39
C ILE A 249 21.65 -2.75 3.76
N LYS A 250 21.44 -1.45 3.97
CA LYS A 250 22.46 -0.43 3.65
C LYS A 250 23.81 -0.78 4.30
N LYS A 251 23.77 -1.29 5.55
CA LYS A 251 24.98 -1.62 6.35
C LYS A 251 25.76 -2.87 5.93
N THR A 252 25.22 -3.64 4.98
CA THR A 252 25.88 -4.84 4.44
C THR A 252 25.58 -4.88 2.95
N GLU A 253 25.09 -6.03 2.46
CA GLU A 253 24.64 -6.14 1.07
C GLU A 253 25.27 -5.04 0.19
N THR A 254 26.45 -5.36 -0.33
CA THR A 254 27.35 -4.39 -1.00
C THR A 254 26.73 -3.59 -2.20
N ASP A 255 26.24 -4.33 -3.20
CA ASP A 255 25.98 -3.75 -4.51
C ASP A 255 24.72 -2.89 -4.51
N MET A 256 23.78 -3.26 -3.64
CA MET A 256 22.40 -2.72 -3.57
C MET A 256 22.30 -1.20 -3.68
N SER A 257 21.15 -0.74 -4.17
CA SER A 257 20.96 0.66 -4.50
C SER A 257 19.48 0.86 -4.74
N LEU A 258 18.84 1.78 -4.00
CA LEU A 258 17.42 2.15 -4.28
C LEU A 258 17.17 2.93 -5.60
N HIS A 259 16.01 2.64 -6.17
CA HIS A 259 15.46 3.48 -7.21
C HIS A 259 15.39 4.94 -6.70
N PRO A 260 15.71 5.91 -7.57
CA PRO A 260 15.76 7.31 -7.11
C PRO A 260 14.47 7.83 -6.40
N LEU A 261 13.31 7.32 -6.87
CA LEU A 261 12.06 7.66 -6.20
C LEU A 261 12.04 7.15 -4.75
N LEU A 262 12.48 5.89 -4.52
CA LEU A 262 12.62 5.36 -3.14
C LEU A 262 13.65 6.09 -2.29
N GLN A 263 14.75 6.55 -2.91
CA GLN A 263 15.79 7.25 -2.20
C GLN A 263 15.17 8.53 -1.69
N GLU A 264 14.29 9.12 -2.50
CA GLU A 264 13.67 10.39 -2.06
C GLU A 264 12.77 10.12 -0.85
N ILE A 265 11.96 9.08 -0.99
CA ILE A 265 11.03 8.78 0.04
C ILE A 265 11.81 8.45 1.33
N TYR A 266 12.90 7.73 1.21
CA TYR A 266 13.59 7.19 2.38
C TYR A 266 14.53 8.23 3.03
N LYS A 267 14.81 9.30 2.28
CA LYS A 267 15.74 10.30 2.72
C LYS A 267 15.26 10.80 4.08
N ASP A 268 16.12 10.72 5.10
CA ASP A 268 15.71 10.89 6.53
C ASP A 268 14.77 9.75 7.14
N LEU A 269 13.43 9.84 6.94
CA LEU A 269 12.46 8.75 7.30
C LEU A 269 12.96 7.73 8.37
N LYS B 1 13.98 19.39 -8.28
CA LYS B 1 14.78 18.24 -7.77
C LYS B 1 13.83 17.12 -7.29
N SER B 2 12.81 17.47 -6.50
CA SER B 2 11.94 16.39 -6.00
C SER B 2 11.21 15.72 -7.15
N LEU B 3 11.26 14.40 -7.12
CA LEU B 3 10.46 13.55 -8.04
C LEU B 3 8.96 13.59 -7.69
N LEU B 4 8.64 13.52 -6.36
CA LEU B 4 7.21 13.53 -5.94
C LEU B 4 6.60 14.85 -6.37
N GLN B 5 7.35 15.91 -6.25
CA GLN B 5 6.81 17.19 -6.66
C GLN B 5 6.47 17.26 -8.13
N GLN B 6 7.28 16.62 -9.00
CA GLN B 6 6.97 16.62 -10.41
C GLN B 6 5.79 15.73 -10.70
N LEU B 7 5.70 14.57 -10.03
CA LEU B 7 4.52 13.71 -10.16
C LEU B 7 3.22 14.46 -9.80
N LEU B 8 3.28 15.27 -8.73
CA LEU B 8 2.07 15.92 -8.24
C LEU B 8 1.52 17.02 -9.15
N THR B 9 2.37 17.60 -10.01
CA THR B 9 1.90 18.66 -10.92
C THR B 9 1.58 18.20 -12.35
N GLU B 10 1.61 16.87 -12.60
CA GLU B 10 1.22 16.30 -13.92
C GLU B 10 -0.30 16.20 -14.12
#